data_4WDT
#
_entry.id   4WDT
#
_cell.length_a   55.507
_cell.length_b   62.565
_cell.length_c   96.180
_cell.angle_alpha   90.00
_cell.angle_beta   90.00
_cell.angle_gamma   90.00
#
_symmetry.space_group_name_H-M   'P 21 21 21'
#
loop_
_entity.id
_entity.type
_entity.pdbx_description
1 polymer 'Aldo-keto reductase family 1 member C3'
2 non-polymer 'NADP NICOTINAMIDE-ADENINE-DINUCLEOTIDE PHOSPHATE'
3 non-polymer 2-nitro-5-(phenylsulfonyl)phenol
4 water water
#
_entity_poly.entity_id   1
_entity_poly.type   'polypeptide(L)'
_entity_poly.pdbx_seq_one_letter_code
;MDSKQQCVKLNDGHFMPVLGFGTYAPPEVPRSKALEVTKLAIEAGFRHIDSAHLYNNEEQVGLAIRSKIADGSVKREDIF
YTSKLWSTFHRPELVRPALENSLKKAQLDYVDLYLIHSPMSLKPGEELSPTDENGKVIFDIVDLCTTWEAMEKCKDAGLA
KSIGVSNFNRRQLEMILNKPGLKYKPVCNQVECHPYFNRSKLLDFCKSKDIVLVAYSALGSQRDKRWVDPNSPVLLEDPV
LCALAKKHKRTPALIALRYQLQRGVVVLAKSYNEQRIRQNVQVFEFQLTAEDMKAIDGLDRNLHYFNSDSFASHPNYPYS
DEYLEHHHHHH
;
_entity_poly.pdbx_strand_id   A
#
loop_
_chem_comp.id
_chem_comp.type
_chem_comp.name
_chem_comp.formula
NAP non-polymer 'NADP NICOTINAMIDE-ADENINE-DINUCLEOTIDE PHOSPHATE' 'C21 H28 N7 O17 P3'
WDT non-polymer 2-nitro-5-(phenylsulfonyl)phenol 'C12 H9 N O5 S'
#
# COMPACT_ATOMS: atom_id res chain seq x y z
N GLN A 6 -15.69 -0.77 8.69
CA GLN A 6 -15.17 0.42 9.32
C GLN A 6 -14.35 1.20 8.31
N CYS A 7 -14.71 2.47 8.15
CA CYS A 7 -14.01 3.37 7.16
C CYS A 7 -13.52 4.65 7.74
N VAL A 8 -12.52 5.29 7.16
CA VAL A 8 -12.12 6.64 7.54
C VAL A 8 -12.51 7.58 6.37
N LYS A 9 -12.91 8.83 6.68
CA LYS A 9 -13.19 9.79 5.65
C LYS A 9 -11.95 10.48 5.18
N LEU A 10 -11.74 10.45 3.86
CA LEU A 10 -10.56 11.02 3.27
C LEU A 10 -10.81 12.51 3.02
N ASN A 11 -9.73 13.19 2.73
CA ASN A 11 -9.71 14.72 2.70
C ASN A 11 -10.47 15.20 1.45
N ASP A 12 -10.84 14.32 0.51
CA ASP A 12 -11.67 14.73 -0.64
C ASP A 12 -13.09 14.23 -0.50
N GLY A 13 -13.50 13.77 0.69
CA GLY A 13 -14.82 13.32 0.99
C GLY A 13 -15.20 11.91 0.72
N HIS A 14 -14.29 11.15 0.06
CA HIS A 14 -14.55 9.75 -0.11
C HIS A 14 -14.16 8.92 1.13
N PHE A 15 -14.51 7.66 1.16
CA PHE A 15 -14.28 6.79 2.37
C PHE A 15 -13.44 5.62 2.07
N MET A 16 -12.46 5.35 2.98
CA MET A 16 -11.54 4.24 2.77
C MET A 16 -11.72 3.20 3.94
N PRO A 17 -12.02 1.95 3.60
CA PRO A 17 -12.12 0.90 4.67
C PRO A 17 -10.72 0.81 5.36
N VAL A 18 -10.72 0.65 6.68
CA VAL A 18 -9.46 0.76 7.40
C VAL A 18 -8.61 -0.52 7.40
N LEU A 19 -9.16 -1.64 6.91
CA LEU A 19 -8.38 -2.86 6.70
C LEU A 19 -8.44 -3.17 5.22
N GLY A 20 -7.23 -3.34 4.66
CA GLY A 20 -7.18 -3.68 3.21
C GLY A 20 -6.43 -4.95 2.96
N PHE A 21 -6.82 -5.57 1.85
CA PHE A 21 -6.18 -6.88 1.45
C PHE A 21 -5.05 -6.61 0.52
N GLY A 22 -3.88 -7.11 0.88
CA GLY A 22 -2.65 -6.95 0.00
C GLY A 22 -2.64 -8.06 -1.03
N THR A 23 -2.52 -7.69 -2.32
CA THR A 23 -2.55 -8.69 -3.37
C THR A 23 -1.20 -9.08 -3.97
N TYR A 24 -0.08 -8.46 -3.59
CA TYR A 24 1.15 -8.84 -4.23
C TYR A 24 1.56 -10.25 -3.86
N ALA A 25 1.95 -11.01 -4.89
CA ALA A 25 2.68 -12.29 -4.71
C ALA A 25 3.81 -12.30 -5.66
N PRO A 26 4.96 -12.91 -5.28
CA PRO A 26 6.10 -12.84 -6.20
C PRO A 26 5.91 -13.71 -7.48
N PRO A 27 6.75 -13.46 -8.50
CA PRO A 27 6.50 -14.07 -9.86
C PRO A 27 6.43 -15.58 -9.83
N GLU A 28 6.99 -16.29 -8.85
CA GLU A 28 6.91 -17.78 -8.79
C GLU A 28 5.53 -18.29 -8.43
N VAL A 29 4.66 -17.40 -7.95
CA VAL A 29 3.32 -17.81 -7.57
C VAL A 29 2.45 -17.71 -8.81
N PRO A 30 1.79 -18.82 -9.17
CA PRO A 30 0.99 -18.76 -10.41
C PRO A 30 -0.03 -17.63 -10.38
N ARG A 31 -0.22 -17.02 -11.55
CA ARG A 31 -1.12 -15.86 -11.63
C ARG A 31 -2.54 -16.10 -11.26
N SER A 32 -3.00 -17.34 -11.49
CA SER A 32 -4.37 -17.69 -11.10
C SER A 32 -4.65 -17.58 -9.61
N LYS A 33 -3.63 -17.64 -8.77
CA LYS A 33 -3.87 -17.64 -7.37
C LYS A 33 -4.50 -16.30 -6.90
N ALA A 34 -4.11 -15.19 -7.53
CA ALA A 34 -4.64 -13.88 -7.16
C ALA A 34 -6.17 -13.83 -7.28
N LEU A 35 -6.71 -14.56 -8.30
CA LEU A 35 -8.13 -14.58 -8.49
C LEU A 35 -8.83 -15.30 -7.30
N GLU A 36 -8.32 -16.49 -6.99
CA GLU A 36 -8.88 -17.30 -5.90
C GLU A 36 -8.82 -16.53 -4.53
N VAL A 37 -7.65 -15.95 -4.24
CA VAL A 37 -7.46 -15.45 -2.86
C VAL A 37 -8.18 -14.09 -2.70
N THR A 38 -8.31 -13.31 -3.79
CA THR A 38 -9.13 -12.11 -3.73
C THR A 38 -10.62 -12.40 -3.50
N LYS A 39 -11.13 -13.44 -4.21
CA LYS A 39 -12.50 -13.86 -3.88
C LYS A 39 -12.62 -14.32 -2.36
N LEU A 40 -11.63 -15.06 -1.86
CA LEU A 40 -11.58 -15.46 -0.45
C LEU A 40 -11.59 -14.22 0.42
N ALA A 41 -10.78 -13.23 0.08
CA ALA A 41 -10.71 -12.05 0.93
C ALA A 41 -12.02 -11.33 1.00
N ILE A 42 -12.68 -11.18 -0.16
CA ILE A 42 -14.02 -10.58 -0.14
C ILE A 42 -15.05 -11.38 0.65
N GLU A 43 -14.98 -12.72 0.51
CA GLU A 43 -15.91 -13.59 1.31
C GLU A 43 -15.66 -13.41 2.79
N ALA A 44 -14.39 -13.18 3.20
CA ALA A 44 -14.04 -13.09 4.61
C ALA A 44 -14.45 -11.74 5.17
N GLY A 45 -14.68 -10.77 4.28
CA GLY A 45 -15.06 -9.45 4.71
C GLY A 45 -14.12 -8.28 4.42
N PHE A 46 -13.06 -8.57 3.69
CA PHE A 46 -12.28 -7.42 3.12
C PHE A 46 -13.07 -6.63 2.07
N ARG A 47 -12.97 -5.30 2.17
CA ARG A 47 -13.64 -4.41 1.19
C ARG A 47 -12.74 -3.44 0.57
N HIS A 48 -11.53 -3.43 1.00
CA HIS A 48 -10.46 -2.59 0.41
C HIS A 48 -9.44 -3.56 -0.15
N ILE A 49 -9.11 -3.39 -1.43
CA ILE A 49 -8.23 -4.31 -2.14
C ILE A 49 -7.13 -3.50 -2.81
N ASP A 50 -5.89 -3.90 -2.54
CA ASP A 50 -4.72 -3.13 -2.96
C ASP A 50 -3.93 -3.86 -4.03
N SER A 51 -3.94 -3.24 -5.24
CA SER A 51 -3.18 -3.76 -6.38
C SER A 51 -2.32 -2.73 -7.01
N ALA A 52 -1.69 -2.99 -8.14
CA ALA A 52 -0.75 -2.07 -8.80
C ALA A 52 -0.42 -2.64 -10.16
N HIS A 53 0.05 -1.76 -11.03
CA HIS A 53 0.61 -2.25 -12.31
C HIS A 53 1.80 -3.25 -12.11
N LEU A 54 2.64 -2.88 -11.17
CA LEU A 54 3.79 -3.69 -10.83
C LEU A 54 3.45 -5.12 -10.55
N TYR A 55 2.26 -5.36 -9.95
CA TYR A 55 1.94 -6.68 -9.38
C TYR A 55 1.63 -7.72 -10.41
N ASN A 56 1.43 -7.28 -11.65
CA ASN A 56 1.05 -8.24 -12.71
C ASN A 56 -0.07 -9.16 -12.30
N ASN A 57 -1.11 -8.59 -11.74
CA ASN A 57 -2.27 -9.30 -11.25
C ASN A 57 -3.58 -8.52 -11.39
N GLU A 58 -3.57 -7.38 -12.08
CA GLU A 58 -4.78 -6.52 -12.07
C GLU A 58 -5.94 -7.26 -12.77
N GLU A 59 -5.63 -8.04 -13.80
CA GLU A 59 -6.74 -8.75 -14.51
C GLU A 59 -7.38 -9.71 -13.53
N GLN A 60 -6.55 -10.47 -12.78
CA GLN A 60 -7.11 -11.51 -11.89
C GLN A 60 -7.86 -10.89 -10.70
N VAL A 61 -7.29 -9.78 -10.13
CA VAL A 61 -7.89 -9.09 -9.01
C VAL A 61 -9.20 -8.43 -9.42
N GLY A 62 -9.19 -7.80 -10.63
CA GLY A 62 -10.42 -7.16 -11.17
C GLY A 62 -11.44 -8.24 -11.47
N LEU A 63 -11.03 -9.40 -11.97
CA LEU A 63 -12.06 -10.49 -12.19
C LEU A 63 -12.66 -10.97 -10.89
N ALA A 64 -11.81 -11.08 -9.85
CA ALA A 64 -12.36 -11.56 -8.56
C ALA A 64 -13.45 -10.57 -8.09
N ILE A 65 -13.18 -9.25 -8.15
CA ILE A 65 -14.17 -8.20 -7.79
C ILE A 65 -15.41 -8.34 -8.61
N ARG A 66 -15.23 -8.52 -9.93
CA ARG A 66 -16.41 -8.54 -10.81
C ARG A 66 -17.18 -9.79 -10.56
N SER A 67 -16.52 -10.87 -10.22
CA SER A 67 -17.23 -12.14 -9.87
C SER A 67 -18.10 -12.00 -8.65
N LYS A 68 -17.57 -11.32 -7.63
CA LYS A 68 -18.32 -11.10 -6.43
C LYS A 68 -19.41 -10.07 -6.59
N ILE A 69 -19.34 -9.20 -7.59
CA ILE A 69 -20.44 -8.29 -7.88
C ILE A 69 -21.51 -9.13 -8.61
N ALA A 70 -21.08 -10.00 -9.52
CA ALA A 70 -22.03 -10.70 -10.40
C ALA A 70 -22.78 -11.73 -9.63
N ASP A 71 -22.16 -12.34 -8.63
CA ASP A 71 -22.86 -13.33 -7.87
C ASP A 71 -23.73 -12.74 -6.75
N GLY A 72 -23.77 -11.41 -6.68
CA GLY A 72 -24.60 -10.70 -5.71
C GLY A 72 -24.01 -10.49 -4.34
N SER A 73 -22.73 -10.82 -4.18
CA SER A 73 -22.11 -10.76 -2.85
C SER A 73 -21.84 -9.32 -2.35
N VAL A 74 -21.40 -8.46 -3.28
CA VAL A 74 -21.13 -7.06 -3.02
C VAL A 74 -21.62 -6.22 -4.22
N LYS A 75 -21.76 -4.92 -4.00
CA LYS A 75 -21.91 -3.96 -5.05
C LYS A 75 -20.55 -3.30 -5.30
N ARG A 76 -20.36 -2.76 -6.49
CA ARG A 76 -19.13 -2.01 -6.79
C ARG A 76 -18.89 -0.91 -5.80
N GLU A 77 -19.92 -0.14 -5.41
CA GLU A 77 -19.75 0.97 -4.43
C GLU A 77 -19.31 0.47 -3.00
N ASP A 78 -19.38 -0.87 -2.75
CA ASP A 78 -18.98 -1.43 -1.49
C ASP A 78 -17.52 -1.79 -1.45
N ILE A 79 -16.91 -1.76 -2.62
CA ILE A 79 -15.52 -2.20 -2.79
C ILE A 79 -14.66 -0.94 -3.00
N PHE A 80 -13.51 -0.92 -2.31
CA PHE A 80 -12.51 0.16 -2.48
C PHE A 80 -11.28 -0.46 -3.11
N TYR A 81 -11.09 -0.16 -4.40
CA TYR A 81 -10.01 -0.74 -5.19
C TYR A 81 -8.94 0.27 -5.53
N THR A 82 -7.70 -0.11 -5.18
CA THR A 82 -6.54 0.74 -5.40
C THR A 82 -5.64 0.12 -6.49
N SER A 83 -5.26 1.00 -7.46
CA SER A 83 -4.01 0.62 -8.22
C SER A 83 -3.00 1.76 -8.14
N LYS A 84 -1.85 1.55 -8.81
CA LYS A 84 -0.70 2.51 -8.62
C LYS A 84 0.09 2.64 -9.93
N LEU A 85 0.45 3.89 -10.15
CA LEU A 85 1.25 4.36 -11.31
C LEU A 85 2.67 3.88 -11.12
N TRP A 86 3.14 3.05 -12.05
CA TRP A 86 4.50 2.54 -11.88
C TRP A 86 5.55 3.60 -12.24
N SER A 87 6.78 3.38 -11.79
CA SER A 87 7.78 4.47 -11.74
C SER A 87 8.38 4.79 -13.10
N THR A 88 8.14 3.95 -14.10
CA THR A 88 8.54 4.29 -15.49
C THR A 88 7.50 5.17 -16.15
N PHE A 89 6.41 5.58 -15.46
CA PHE A 89 5.32 6.37 -16.03
C PHE A 89 5.12 7.69 -15.28
N HIS A 90 6.19 8.18 -14.64
CA HIS A 90 6.07 9.50 -13.97
C HIS A 90 6.02 10.70 -14.88
N ARG A 91 6.54 10.60 -16.10
CA ARG A 91 6.38 11.74 -17.01
C ARG A 91 4.90 12.01 -17.24
N PRO A 92 4.46 13.28 -17.13
CA PRO A 92 3.06 13.57 -17.04
C PRO A 92 2.20 13.00 -18.18
N GLU A 93 2.74 13.01 -19.42
CA GLU A 93 1.92 12.50 -20.50
C GLU A 93 1.68 10.96 -20.47
N LEU A 94 2.39 10.26 -19.57
CA LEU A 94 2.22 8.83 -19.42
C LEU A 94 1.23 8.45 -18.30
N VAL A 95 0.80 9.42 -17.50
CA VAL A 95 0.03 9.09 -16.29
C VAL A 95 -1.40 8.61 -16.66
N ARG A 96 -2.19 9.40 -17.43
CA ARG A 96 -3.54 8.99 -17.73
C ARG A 96 -3.52 7.70 -18.59
N PRO A 97 -2.61 7.55 -19.59
CA PRO A 97 -2.50 6.25 -20.19
C PRO A 97 -2.24 5.07 -19.31
N ALA A 98 -1.35 5.26 -18.34
CA ALA A 98 -1.10 4.12 -17.40
C ALA A 98 -2.41 3.80 -16.63
N LEU A 99 -3.11 4.83 -16.17
CA LEU A 99 -4.38 4.59 -15.50
C LEU A 99 -5.42 3.90 -16.32
N GLU A 100 -5.55 4.38 -17.57
CA GLU A 100 -6.50 3.72 -18.49
C GLU A 100 -6.12 2.26 -18.75
N ASN A 101 -4.84 1.94 -18.81
CA ASN A 101 -4.39 0.54 -18.97
C ASN A 101 -4.79 -0.30 -17.76
N SER A 102 -4.60 0.27 -16.57
CA SER A 102 -5.01 -0.43 -15.36
C SER A 102 -6.51 -0.67 -15.30
N LEU A 103 -7.29 0.33 -15.69
CA LEU A 103 -8.73 0.15 -15.72
C LEU A 103 -9.14 -0.94 -16.72
N LYS A 104 -8.47 -0.94 -17.91
CA LYS A 104 -8.83 -1.96 -18.87
C LYS A 104 -8.41 -3.36 -18.36
N LYS A 105 -7.27 -3.50 -17.71
CA LYS A 105 -6.86 -4.83 -17.25
C LYS A 105 -7.89 -5.33 -16.22
N ALA A 106 -8.32 -4.43 -15.29
CA ALA A 106 -9.24 -4.84 -14.18
C ALA A 106 -10.69 -4.91 -14.66
N GLN A 107 -10.98 -4.38 -15.86
CA GLN A 107 -12.34 -4.20 -16.44
C GLN A 107 -13.22 -3.43 -15.55
N LEU A 108 -12.68 -2.35 -15.02
CA LEU A 108 -13.46 -1.47 -14.09
C LEU A 108 -13.60 -0.13 -14.80
N ASP A 109 -14.65 0.60 -14.43
CA ASP A 109 -14.84 1.97 -14.93
C ASP A 109 -14.02 3.04 -14.24
N TYR A 110 -13.71 2.77 -12.93
CA TYR A 110 -12.91 3.68 -12.16
C TYR A 110 -12.18 2.84 -11.10
N VAL A 111 -11.06 3.42 -10.63
CA VAL A 111 -10.43 2.91 -9.39
C VAL A 111 -10.84 3.87 -8.24
N ASP A 112 -11.05 3.32 -7.03
CA ASP A 112 -11.30 4.17 -5.90
C ASP A 112 -10.08 5.03 -5.55
N LEU A 113 -8.87 4.47 -5.81
CA LEU A 113 -7.67 5.17 -5.45
C LEU A 113 -6.57 4.89 -6.43
N TYR A 114 -5.88 5.98 -6.85
CA TYR A 114 -4.68 5.79 -7.70
C TYR A 114 -3.55 6.43 -7.03
N LEU A 115 -2.45 5.69 -6.90
CA LEU A 115 -1.28 6.24 -6.15
C LEU A 115 -0.12 6.40 -7.09
N ILE A 116 0.71 7.44 -6.85
CA ILE A 116 2.07 7.31 -7.38
C ILE A 116 2.79 6.25 -6.55
N HIS A 117 3.24 5.15 -7.15
CA HIS A 117 3.70 3.97 -6.41
C HIS A 117 4.96 4.27 -5.60
N SER A 118 5.85 5.11 -6.17
CA SER A 118 7.10 5.46 -5.48
C SER A 118 7.60 6.77 -6.03
N PRO A 119 8.41 7.49 -5.25
CA PRO A 119 9.04 8.69 -5.79
C PRO A 119 10.24 8.42 -6.66
N MET A 120 10.65 7.17 -6.75
CA MET A 120 11.93 6.86 -7.42
C MET A 120 11.68 6.61 -8.90
N SER A 121 11.63 7.67 -9.67
CA SER A 121 11.32 7.65 -11.10
C SER A 121 12.32 6.81 -11.85
N LEU A 122 11.81 6.07 -12.86
CA LEU A 122 12.71 5.13 -13.61
C LEU A 122 12.59 5.52 -15.07
N LYS A 123 13.67 5.19 -15.78
CA LYS A 123 13.77 5.44 -17.25
C LYS A 123 12.47 4.89 -17.93
N PRO A 124 11.83 5.71 -18.74
CA PRO A 124 10.60 5.28 -19.39
C PRO A 124 10.96 4.24 -20.45
N GLY A 125 10.10 3.26 -20.67
CA GLY A 125 10.45 2.24 -21.70
C GLY A 125 9.66 1.01 -21.39
N GLU A 126 10.06 -0.09 -22.00
CA GLU A 126 9.32 -1.38 -21.89
C GLU A 126 9.55 -2.11 -20.61
N GLU A 127 10.73 -1.93 -19.99
CA GLU A 127 11.09 -2.76 -18.85
C GLU A 127 10.42 -2.25 -17.59
N LEU A 128 10.01 -3.14 -16.67
CA LEU A 128 9.47 -2.75 -15.36
C LEU A 128 10.60 -2.13 -14.53
N SER A 129 11.80 -2.76 -14.61
CA SER A 129 12.89 -2.39 -13.78
C SER A 129 14.15 -2.23 -14.66
N PRO A 130 14.29 -1.05 -15.32
CA PRO A 130 15.46 -0.85 -16.22
C PRO A 130 16.74 -0.80 -15.35
N THR A 131 17.71 -1.67 -15.60
CA THR A 131 18.84 -1.93 -14.67
C THR A 131 20.15 -1.46 -15.29
N ASP A 132 21.05 -0.81 -14.52
CA ASP A 132 22.36 -0.51 -15.14
C ASP A 132 23.34 -1.70 -14.99
N GLU A 133 24.57 -1.42 -15.45
CA GLU A 133 25.79 -2.23 -15.16
C GLU A 133 25.78 -3.05 -13.85
N ASN A 134 25.50 -2.36 -12.76
CA ASN A 134 25.65 -2.91 -11.40
C ASN A 134 24.34 -3.43 -10.78
N GLY A 135 23.27 -3.49 -11.60
CA GLY A 135 21.92 -3.84 -11.12
C GLY A 135 21.29 -2.68 -10.35
N LYS A 136 21.78 -1.46 -10.53
CA LYS A 136 21.03 -0.34 -9.97
C LYS A 136 19.96 0.11 -10.95
N VAL A 137 18.78 0.46 -10.42
CA VAL A 137 17.75 0.95 -11.31
C VAL A 137 18.27 2.21 -12.06
N ILE A 138 17.94 2.31 -13.35
CA ILE A 138 18.33 3.50 -14.14
C ILE A 138 17.28 4.52 -13.87
N PHE A 139 17.69 5.61 -13.24
CA PHE A 139 16.82 6.58 -12.74
C PHE A 139 16.44 7.51 -13.87
N ASP A 140 15.34 8.22 -13.69
CA ASP A 140 14.90 9.31 -14.49
C ASP A 140 14.72 10.46 -13.51
N ILE A 141 14.80 11.68 -14.05
CA ILE A 141 14.55 12.93 -13.33
C ILE A 141 13.25 13.55 -13.79
N VAL A 142 12.26 13.45 -12.91
CA VAL A 142 10.98 14.00 -13.22
C VAL A 142 10.59 14.83 -12.02
N ASP A 143 10.14 16.05 -12.29
CA ASP A 143 9.56 16.87 -11.22
C ASP A 143 8.24 16.14 -10.91
N LEU A 144 8.19 15.56 -9.69
CA LEU A 144 6.94 14.84 -9.33
C LEU A 144 5.74 15.76 -9.12
N CYS A 145 5.99 17.08 -8.99
CA CYS A 145 4.84 17.97 -8.98
C CYS A 145 4.06 17.98 -10.34
N THR A 146 4.84 17.72 -11.42
CA THR A 146 4.21 17.63 -12.73
C THR A 146 3.44 16.29 -12.87
N THR A 147 4.04 15.24 -12.32
CA THR A 147 3.27 13.98 -12.21
C THR A 147 2.01 14.14 -11.40
N TRP A 148 2.07 14.90 -10.30
CA TRP A 148 0.93 15.14 -9.51
C TRP A 148 -0.17 15.84 -10.25
N GLU A 149 0.22 16.89 -10.99
CA GLU A 149 -0.82 17.60 -11.80
C GLU A 149 -1.53 16.66 -12.77
N ALA A 150 -0.78 15.74 -13.39
CA ALA A 150 -1.43 14.71 -14.26
C ALA A 150 -2.36 13.72 -13.46
N MET A 151 -1.96 13.42 -12.20
CA MET A 151 -2.86 12.65 -11.34
C MET A 151 -4.20 13.43 -11.08
N GLU A 152 -4.08 14.74 -10.79
CA GLU A 152 -5.29 15.57 -10.53
C GLU A 152 -6.27 15.55 -11.76
N LYS A 153 -5.64 15.64 -12.94
CA LYS A 153 -6.53 15.51 -14.12
C LYS A 153 -7.27 14.17 -14.23
N CYS A 154 -6.64 13.07 -13.72
CA CYS A 154 -7.32 11.78 -13.70
C CYS A 154 -8.50 11.76 -12.73
N LYS A 155 -8.35 12.46 -11.58
CA LYS A 155 -9.47 12.61 -10.70
C LYS A 155 -10.62 13.47 -11.31
N ASP A 156 -10.21 14.54 -11.97
CA ASP A 156 -11.20 15.44 -12.61
C ASP A 156 -11.93 14.70 -13.68
N ALA A 157 -11.23 13.77 -14.42
CA ALA A 157 -11.94 12.92 -15.45
C ALA A 157 -12.80 11.81 -14.93
N GLY A 158 -12.72 11.55 -13.61
CA GLY A 158 -13.48 10.44 -13.06
C GLY A 158 -12.85 9.04 -13.17
N LEU A 159 -11.58 8.98 -13.60
CA LEU A 159 -10.88 7.69 -13.71
C LEU A 159 -10.47 7.14 -12.33
N ALA A 160 -10.24 8.06 -11.41
CA ALA A 160 -9.87 7.67 -10.00
C ALA A 160 -10.80 8.56 -9.17
N LYS A 161 -11.42 7.95 -8.19
CA LYS A 161 -12.23 8.73 -7.20
C LYS A 161 -11.36 9.56 -6.33
N SER A 162 -10.21 8.97 -5.89
CA SER A 162 -9.22 9.67 -5.05
C SER A 162 -7.82 9.40 -5.56
N ILE A 163 -6.90 10.31 -5.25
CA ILE A 163 -5.53 10.17 -5.64
C ILE A 163 -4.62 10.32 -4.42
N GLY A 164 -3.51 9.57 -4.44
CA GLY A 164 -2.53 9.68 -3.31
C GLY A 164 -1.17 9.29 -3.76
N VAL A 165 -0.30 9.12 -2.79
CA VAL A 165 1.11 8.76 -3.08
C VAL A 165 1.50 7.56 -2.22
N SER A 166 2.64 7.02 -2.49
CA SER A 166 3.17 5.87 -1.76
C SER A 166 4.70 6.02 -1.73
N ASN A 167 5.28 5.58 -0.62
CA ASN A 167 6.76 5.61 -0.43
C ASN A 167 7.32 7.04 -0.41
N PHE A 168 6.46 8.04 -0.14
CA PHE A 168 6.98 9.42 0.04
C PHE A 168 7.44 9.61 1.46
N ASN A 169 8.56 10.31 1.61
CA ASN A 169 8.95 10.83 2.96
C ASN A 169 8.25 12.17 3.24
N ARG A 170 8.49 12.72 4.45
CA ARG A 170 7.82 14.00 4.79
C ARG A 170 8.11 15.11 3.86
N ARG A 171 9.39 15.22 3.44
CA ARG A 171 9.81 16.31 2.60
C ARG A 171 9.24 16.23 1.16
N GLN A 172 9.12 14.99 0.64
CA GLN A 172 8.48 14.78 -0.63
C GLN A 172 6.97 15.06 -0.66
N LEU A 173 6.27 14.70 0.44
CA LEU A 173 4.89 15.10 0.61
C LEU A 173 4.73 16.58 0.67
N GLU A 174 5.61 17.26 1.48
CA GLU A 174 5.63 18.67 1.61
C GLU A 174 5.74 19.36 0.27
N MET A 175 6.62 18.83 -0.62
CA MET A 175 6.78 19.39 -1.88
C MET A 175 5.48 19.42 -2.68
N ILE A 176 4.70 18.33 -2.61
CA ILE A 176 3.45 18.37 -3.27
C ILE A 176 2.48 19.37 -2.58
N LEU A 177 2.43 19.35 -1.21
CA LEU A 177 1.41 20.19 -0.53
C LEU A 177 1.69 21.65 -0.75
N ASN A 178 2.96 21.95 -1.00
CA ASN A 178 3.36 23.33 -1.25
C ASN A 178 3.31 23.78 -2.68
N LYS A 179 2.94 22.88 -3.58
CA LYS A 179 2.84 23.23 -5.00
C LYS A 179 1.88 24.41 -5.27
N PRO A 180 2.38 25.46 -6.02
CA PRO A 180 1.49 26.49 -6.54
C PRO A 180 0.42 25.87 -7.41
N GLY A 181 -0.81 26.26 -7.13
CA GLY A 181 -1.94 25.94 -7.92
C GLY A 181 -2.43 24.53 -7.57
N LEU A 182 -1.89 23.94 -6.48
CA LEU A 182 -2.39 22.58 -6.02
C LEU A 182 -3.95 22.50 -6.05
N LYS A 183 -4.53 21.47 -6.63
CA LYS A 183 -5.93 21.32 -6.66
C LYS A 183 -6.43 20.33 -5.66
N TYR A 184 -5.76 19.16 -5.58
CA TYR A 184 -6.12 18.11 -4.61
C TYR A 184 -4.87 17.65 -3.82
N LYS A 185 -5.01 17.64 -2.50
CA LYS A 185 -4.00 17.05 -1.69
C LYS A 185 -4.00 15.55 -1.95
N PRO A 186 -2.83 14.91 -1.80
CA PRO A 186 -3.00 13.42 -1.68
C PRO A 186 -3.91 12.99 -0.53
N VAL A 187 -4.72 11.94 -0.74
CA VAL A 187 -5.57 11.50 0.33
C VAL A 187 -4.80 10.64 1.32
N CYS A 188 -3.66 10.09 0.88
CA CYS A 188 -2.93 9.11 1.72
C CYS A 188 -1.47 9.05 1.28
N ASN A 189 -0.66 8.42 2.15
CA ASN A 189 0.67 8.08 1.78
C ASN A 189 0.86 6.62 2.25
N GLN A 190 0.91 5.69 1.28
CA GLN A 190 1.04 4.27 1.61
C GLN A 190 2.52 3.95 1.78
N VAL A 191 2.92 3.53 2.99
CA VAL A 191 4.40 3.44 3.29
C VAL A 191 4.63 2.20 4.11
N GLU A 192 5.90 1.75 4.10
CA GLU A 192 6.30 0.60 4.99
C GLU A 192 6.13 0.99 6.47
N CYS A 193 5.36 0.18 7.21
CA CYS A 193 5.07 0.65 8.56
C CYS A 193 4.63 -0.53 9.41
N HIS A 194 5.33 -0.78 10.51
CA HIS A 194 5.10 -1.99 11.37
C HIS A 194 5.88 -1.66 12.67
N PRO A 195 5.79 -2.55 13.66
CA PRO A 195 6.44 -2.18 14.92
C PRO A 195 7.93 -2.10 14.85
N TYR A 196 8.60 -2.63 13.81
CA TYR A 196 10.06 -2.31 13.70
C TYR A 196 10.44 -1.03 12.99
N PHE A 197 9.43 -0.30 12.46
CA PHE A 197 9.60 0.87 11.65
C PHE A 197 8.25 1.64 11.71
N ASN A 198 8.00 2.18 12.88
CA ASN A 198 6.59 2.63 13.14
C ASN A 198 6.21 3.98 12.58
N ARG A 199 7.20 4.68 12.01
CA ARG A 199 6.93 5.97 11.31
C ARG A 199 6.15 6.96 12.10
N SER A 200 6.45 7.06 13.41
CA SER A 200 5.58 7.98 14.25
C SER A 200 5.68 9.47 13.84
N LYS A 201 6.87 9.93 13.43
CA LYS A 201 7.05 11.34 12.97
C LYS A 201 6.28 11.53 11.66
N LEU A 202 6.43 10.58 10.71
CA LEU A 202 5.68 10.76 9.46
C LEU A 202 4.17 10.71 9.74
N LEU A 203 3.72 9.78 10.62
CA LEU A 203 2.30 9.70 11.01
C LEU A 203 1.81 11.04 11.55
N ASP A 204 2.61 11.65 12.43
CA ASP A 204 2.15 12.93 13.07
C ASP A 204 2.03 13.99 11.98
N PHE A 205 3.00 14.02 11.03
CA PHE A 205 2.88 14.95 9.91
C PHE A 205 1.61 14.67 9.10
N CYS A 206 1.40 13.40 8.75
CA CYS A 206 0.25 13.11 7.93
C CYS A 206 -1.01 13.55 8.61
N LYS A 207 -1.14 13.25 9.92
CA LYS A 207 -2.37 13.60 10.66
C LYS A 207 -2.50 15.13 10.60
N SER A 208 -1.40 15.85 10.70
CA SER A 208 -1.51 17.36 10.74
C SER A 208 -2.07 17.92 9.43
N LYS A 209 -1.88 17.15 8.32
CA LYS A 209 -2.32 17.53 7.01
C LYS A 209 -3.56 16.83 6.51
N ASP A 210 -4.27 16.12 7.35
CA ASP A 210 -5.40 15.26 6.97
C ASP A 210 -5.05 14.34 5.79
N ILE A 211 -3.92 13.67 5.94
CA ILE A 211 -3.47 12.65 4.96
C ILE A 211 -3.47 11.34 5.73
N VAL A 212 -4.12 10.30 5.20
CA VAL A 212 -4.11 8.97 5.84
C VAL A 212 -2.76 8.29 5.59
N LEU A 213 -2.16 7.75 6.65
CA LEU A 213 -1.03 6.88 6.49
C LEU A 213 -1.55 5.45 6.34
N VAL A 214 -1.17 4.78 5.24
CA VAL A 214 -1.64 3.40 5.00
C VAL A 214 -0.36 2.53 5.10
N ALA A 215 -0.44 1.53 6.00
CA ALA A 215 0.74 0.74 6.30
C ALA A 215 0.78 -0.49 5.42
N TYR A 216 1.94 -0.65 4.72
CA TYR A 216 2.23 -1.91 4.04
C TYR A 216 3.35 -2.65 4.77
N SER A 217 3.51 -3.93 4.39
CA SER A 217 4.41 -4.79 5.14
C SER A 217 4.17 -4.70 6.65
N ALA A 218 2.89 -4.55 6.98
CA ALA A 218 2.51 -4.41 8.43
C ALA A 218 2.75 -5.69 9.19
N LEU A 219 2.86 -6.83 8.46
CA LEU A 219 3.18 -8.11 9.09
C LEU A 219 4.64 -8.46 8.96
N GLY A 220 5.47 -7.50 8.47
CA GLY A 220 6.92 -7.83 8.31
C GLY A 220 7.41 -8.11 6.94
N SER A 221 6.56 -7.99 5.94
CA SER A 221 6.91 -8.24 4.52
C SER A 221 7.00 -9.70 4.19
N GLN A 222 7.06 -9.97 2.88
CA GLN A 222 7.19 -11.30 2.40
C GLN A 222 8.69 -11.73 2.33
N ARG A 223 9.58 -10.87 2.77
CA ARG A 223 11.02 -11.16 2.94
C ARG A 223 11.56 -11.69 1.58
N ASP A 224 11.18 -11.04 0.47
CA ASP A 224 11.69 -11.48 -0.80
C ASP A 224 13.18 -11.26 -0.90
N LYS A 225 13.87 -12.29 -1.35
CA LYS A 225 15.36 -12.23 -1.43
C LYS A 225 15.87 -11.14 -2.36
N ARG A 226 15.03 -10.57 -3.22
CA ARG A 226 15.52 -9.48 -4.12
C ARG A 226 15.79 -8.24 -3.30
N TRP A 227 15.05 -8.07 -2.20
CA TRP A 227 15.03 -6.80 -1.50
C TRP A 227 15.33 -6.87 -0.02
N VAL A 228 15.20 -8.03 0.58
CA VAL A 228 15.13 -8.11 2.05
C VAL A 228 16.28 -8.98 2.55
N ASP A 229 17.05 -8.39 3.50
CA ASP A 229 18.13 -9.21 4.12
C ASP A 229 17.57 -10.40 4.95
N PRO A 230 17.95 -11.66 4.66
CA PRO A 230 17.42 -12.75 5.46
C PRO A 230 17.84 -12.69 6.93
N ASN A 231 18.84 -11.88 7.26
CA ASN A 231 19.24 -11.75 8.68
C ASN A 231 18.27 -10.87 9.45
N SER A 232 17.51 -10.06 8.73
CA SER A 232 16.61 -9.08 9.45
C SER A 232 15.69 -9.88 10.39
N PRO A 233 15.57 -9.44 11.65
CA PRO A 233 14.66 -10.15 12.53
C PRO A 233 13.25 -10.28 11.90
N VAL A 234 12.63 -11.41 12.10
CA VAL A 234 11.32 -11.73 11.56
C VAL A 234 10.22 -11.09 12.43
N LEU A 235 9.48 -10.08 11.94
CA LEU A 235 8.52 -9.33 12.77
C LEU A 235 7.66 -10.22 13.62
N LEU A 236 7.06 -11.24 12.98
CA LEU A 236 6.03 -12.03 13.75
C LEU A 236 6.63 -12.99 14.75
N GLU A 237 7.96 -13.08 14.76
CA GLU A 237 8.68 -13.85 15.83
C GLU A 237 9.07 -12.97 16.97
N ASP A 238 8.73 -11.69 16.95
CA ASP A 238 9.20 -10.82 17.99
C ASP A 238 8.64 -11.30 19.36
N PRO A 239 9.46 -11.34 20.45
CA PRO A 239 8.89 -11.88 21.67
C PRO A 239 7.81 -11.01 22.32
N VAL A 240 7.86 -9.70 22.14
CA VAL A 240 6.83 -8.83 22.74
C VAL A 240 5.51 -9.08 21.96
N LEU A 241 5.61 -9.12 20.61
CA LEU A 241 4.33 -9.45 19.87
C LEU A 241 3.75 -10.79 20.25
N CYS A 242 4.65 -11.78 20.47
CA CYS A 242 4.17 -13.10 20.79
C CYS A 242 3.63 -13.11 22.23
N ALA A 243 4.25 -12.38 23.16
CA ALA A 243 3.69 -12.33 24.51
C ALA A 243 2.30 -11.68 24.49
N LEU A 244 2.12 -10.63 23.65
CA LEU A 244 0.81 -9.98 23.59
C LEU A 244 -0.19 -10.87 22.94
N ALA A 245 0.21 -11.70 21.94
CA ALA A 245 -0.67 -12.65 21.35
C ALA A 245 -1.16 -13.62 22.40
N LYS A 246 -0.24 -14.13 23.25
CA LYS A 246 -0.66 -15.06 24.31
C LYS A 246 -1.63 -14.36 25.31
N LYS A 247 -1.33 -13.13 25.71
CA LYS A 247 -2.16 -12.42 26.69
C LYS A 247 -3.55 -12.23 26.20
N HIS A 248 -3.72 -11.96 24.90
CA HIS A 248 -5.05 -11.75 24.33
C HIS A 248 -5.71 -12.99 23.69
N LYS A 249 -4.93 -14.07 23.71
CA LYS A 249 -5.31 -15.30 22.95
C LYS A 249 -5.70 -14.97 21.52
N ARG A 250 -4.80 -14.17 20.91
CA ARG A 250 -4.89 -13.93 19.44
C ARG A 250 -3.54 -14.38 18.81
N THR A 251 -3.02 -13.70 17.80
CA THR A 251 -1.79 -14.20 17.15
C THR A 251 -0.88 -12.97 16.95
N PRO A 252 0.39 -13.17 16.71
CA PRO A 252 1.24 -12.07 16.53
C PRO A 252 0.81 -11.17 15.34
N ALA A 253 0.34 -11.77 14.22
CA ALA A 253 -0.18 -10.97 13.12
C ALA A 253 -1.32 -10.09 13.60
N LEU A 254 -2.26 -10.63 14.35
CA LEU A 254 -3.42 -9.77 14.77
C LEU A 254 -2.94 -8.66 15.65
N ILE A 255 -1.94 -8.94 16.56
CA ILE A 255 -1.39 -7.82 17.37
C ILE A 255 -0.79 -6.71 16.51
N ALA A 256 -0.04 -7.09 15.45
CA ALA A 256 0.59 -6.11 14.61
C ALA A 256 -0.46 -5.27 13.83
N LEU A 257 -1.54 -5.95 13.38
CA LEU A 257 -2.60 -5.22 12.65
C LEU A 257 -3.37 -4.26 13.57
N ARG A 258 -3.70 -4.79 14.77
CA ARG A 258 -4.50 -3.96 15.70
C ARG A 258 -3.74 -2.70 16.14
N TYR A 259 -2.45 -2.89 16.37
CA TYR A 259 -1.55 -1.79 16.72
C TYR A 259 -1.80 -0.61 15.76
N GLN A 260 -1.80 -0.93 14.47
CA GLN A 260 -1.96 0.16 13.53
C GLN A 260 -3.35 0.85 13.61
N LEU A 261 -4.39 0.10 13.76
CA LEU A 261 -5.73 0.71 13.78
C LEU A 261 -5.81 1.66 14.96
N GLN A 262 -5.22 1.27 16.10
CA GLN A 262 -5.35 2.09 17.31
C GLN A 262 -4.48 3.36 17.24
N ARG A 263 -3.55 3.41 16.25
CA ARG A 263 -2.80 4.65 16.06
C ARG A 263 -3.43 5.54 15.00
N GLY A 264 -4.58 5.15 14.47
CA GLY A 264 -5.13 5.94 13.35
C GLY A 264 -4.55 5.60 11.97
N VAL A 265 -3.92 4.43 11.83
CA VAL A 265 -3.24 4.01 10.52
C VAL A 265 -4.18 3.03 9.88
N VAL A 266 -4.44 3.23 8.58
CA VAL A 266 -5.13 2.17 7.79
C VAL A 266 -4.14 1.06 7.46
N VAL A 267 -4.53 -0.17 7.63
CA VAL A 267 -3.51 -1.24 7.53
C VAL A 267 -3.88 -2.27 6.44
N LEU A 268 -2.82 -2.61 5.66
CA LEU A 268 -2.99 -3.71 4.66
C LEU A 268 -2.51 -5.00 5.28
N ALA A 269 -3.05 -6.11 4.71
CA ALA A 269 -2.50 -7.41 5.14
C ALA A 269 -2.57 -8.36 3.95
N LYS A 270 -1.42 -8.87 3.51
CA LYS A 270 -1.46 -9.86 2.41
C LYS A 270 -1.49 -11.26 3.03
N SER A 271 -2.36 -12.09 2.53
CA SER A 271 -2.22 -13.55 2.78
C SER A 271 -2.77 -14.23 1.58
N TYR A 272 -2.10 -15.32 1.18
CA TYR A 272 -2.63 -16.19 0.09
C TYR A 272 -3.09 -17.52 0.70
N ASN A 273 -3.27 -17.54 2.02
CA ASN A 273 -3.70 -18.76 2.72
C ASN A 273 -5.10 -18.55 3.23
N GLU A 274 -6.05 -19.46 2.91
CA GLU A 274 -7.39 -19.26 3.29
C GLU A 274 -7.63 -19.04 4.77
N GLN A 275 -6.94 -19.82 5.62
CA GLN A 275 -7.18 -19.66 7.06
C GLN A 275 -6.68 -18.25 7.54
N ARG A 276 -5.49 -17.87 7.12
CA ARG A 276 -4.92 -16.55 7.58
C ARG A 276 -5.74 -15.40 7.03
N ILE A 277 -6.25 -15.50 5.79
CA ILE A 277 -7.16 -14.43 5.25
C ILE A 277 -8.31 -14.26 6.21
N ARG A 278 -8.94 -15.38 6.60
CA ARG A 278 -10.09 -15.23 7.50
C ARG A 278 -9.67 -14.78 8.92
N GLN A 279 -8.49 -15.25 9.34
CA GLN A 279 -8.01 -14.85 10.65
C GLN A 279 -7.82 -13.30 10.74
N ASN A 280 -7.34 -12.70 9.65
CA ASN A 280 -6.93 -11.27 9.71
C ASN A 280 -8.09 -10.32 9.93
N VAL A 281 -9.29 -10.72 9.54
CA VAL A 281 -10.46 -9.88 9.84
C VAL A 281 -10.83 -9.82 11.33
N GLN A 282 -10.23 -10.72 12.12
CA GLN A 282 -10.46 -10.73 13.58
C GLN A 282 -9.83 -9.48 14.21
N VAL A 283 -9.12 -8.64 13.43
CA VAL A 283 -8.54 -7.46 13.99
C VAL A 283 -9.59 -6.53 14.64
N PHE A 284 -10.85 -6.63 14.18
CA PHE A 284 -11.91 -5.81 14.72
C PHE A 284 -12.54 -6.37 15.99
N GLU A 285 -12.06 -7.54 16.41
CA GLU A 285 -12.78 -8.27 17.51
C GLU A 285 -12.13 -8.05 18.89
N PHE A 286 -11.00 -7.36 19.00
CA PHE A 286 -10.34 -7.17 20.29
C PHE A 286 -9.61 -5.87 20.34
N GLN A 287 -9.17 -5.45 21.49
CA GLN A 287 -8.42 -4.19 21.69
C GLN A 287 -7.11 -4.41 22.45
N LEU A 288 -6.14 -3.60 22.13
CA LEU A 288 -4.89 -3.48 22.95
C LEU A 288 -4.97 -2.37 23.95
N THR A 289 -4.43 -2.61 25.16
CA THR A 289 -4.48 -1.59 26.17
C THR A 289 -3.38 -0.53 25.92
N ALA A 290 -3.34 0.59 26.67
CA ALA A 290 -2.32 1.58 26.54
C ALA A 290 -0.94 1.01 26.82
N GLU A 291 -0.83 0.18 27.84
CA GLU A 291 0.47 -0.46 28.11
C GLU A 291 0.88 -1.41 26.99
N ASP A 292 -0.08 -2.13 26.37
CA ASP A 292 0.29 -3.05 25.28
C ASP A 292 0.87 -2.12 24.18
N MET A 293 0.18 -1.00 23.85
CA MET A 293 0.66 -0.13 22.77
C MET A 293 2.02 0.45 23.08
N LYS A 294 2.31 0.79 24.35
CA LYS A 294 3.64 1.32 24.70
C LYS A 294 4.67 0.20 24.50
N ALA A 295 4.34 -1.05 24.89
CA ALA A 295 5.24 -2.13 24.63
C ALA A 295 5.58 -2.26 23.14
N ILE A 296 4.57 -2.13 22.30
CA ILE A 296 4.82 -2.25 20.88
C ILE A 296 5.66 -1.08 20.37
N ASP A 297 5.38 0.17 20.83
CA ASP A 297 6.17 1.35 20.44
C ASP A 297 7.64 1.15 20.77
N GLY A 298 7.90 0.33 21.81
CA GLY A 298 9.30 0.10 22.23
C GLY A 298 10.06 -0.69 21.22
N LEU A 299 9.38 -1.32 20.24
CA LEU A 299 10.10 -2.22 19.32
C LEU A 299 10.75 -1.47 18.19
N ASP A 300 10.41 -0.22 18.00
CA ASP A 300 10.91 0.55 16.83
C ASP A 300 12.43 0.48 16.70
N ARG A 301 12.92 0.19 15.52
CA ARG A 301 14.39 0.05 15.34
C ARG A 301 14.80 0.51 13.93
N ASN A 302 13.93 1.32 13.34
CA ASN A 302 14.23 1.92 12.05
C ASN A 302 14.52 0.92 10.95
N LEU A 303 13.84 -0.22 11.00
CA LEU A 303 14.13 -1.29 10.08
C LEU A 303 13.14 -1.28 8.90
N HIS A 304 13.60 -0.83 7.75
CA HIS A 304 12.73 -1.00 6.59
C HIS A 304 13.22 -2.30 5.93
N TYR A 305 12.35 -3.27 5.85
CA TYR A 305 12.72 -4.58 5.24
C TYR A 305 13.19 -4.40 3.81
N PHE A 306 12.54 -3.53 3.04
CA PHE A 306 13.02 -3.23 1.64
C PHE A 306 14.27 -2.43 1.78
N ASN A 307 15.41 -3.04 1.48
CA ASN A 307 16.64 -2.38 1.74
C ASN A 307 17.73 -2.91 0.78
N SER A 308 17.63 -2.55 -0.46
CA SER A 308 18.54 -3.02 -1.48
C SER A 308 19.33 -1.88 -2.10
N ASP A 309 20.55 -2.18 -2.46
CA ASP A 309 21.41 -1.26 -3.29
C ASP A 309 20.56 -0.83 -4.54
N SER A 310 19.78 -1.78 -5.11
CA SER A 310 19.01 -1.58 -6.38
C SER A 310 18.50 -0.23 -6.37
N PHE A 311 17.98 0.21 -5.23
CA PHE A 311 17.38 1.54 -5.16
C PHE A 311 17.95 2.53 -4.08
N ALA A 312 18.79 2.04 -3.13
CA ALA A 312 19.22 2.84 -1.98
C ALA A 312 20.07 3.98 -2.54
N SER A 313 20.55 3.82 -3.76
CA SER A 313 21.29 4.91 -4.39
C SER A 313 20.47 5.77 -5.33
N HIS A 314 19.16 5.54 -5.46
CA HIS A 314 18.36 6.42 -6.26
C HIS A 314 18.32 7.85 -5.70
N PRO A 315 18.38 8.83 -6.63
CA PRO A 315 18.43 10.19 -6.09
C PRO A 315 17.22 10.61 -5.27
N ASN A 316 16.06 9.98 -5.45
CA ASN A 316 14.88 10.26 -4.64
C ASN A 316 14.52 9.17 -3.66
N TYR A 317 15.52 8.38 -3.24
CA TYR A 317 15.30 7.35 -2.29
C TYR A 317 14.75 8.00 -0.99
N PRO A 318 13.65 7.48 -0.43
CA PRO A 318 12.93 8.25 0.59
C PRO A 318 13.53 8.09 1.95
N TYR A 319 14.42 7.09 2.11
CA TYR A 319 14.95 6.80 3.45
C TYR A 319 16.36 7.50 3.61
N SER A 320 16.62 7.95 4.82
CA SER A 320 17.84 8.74 5.13
C SER A 320 18.21 8.50 6.60
PA NAP B . 2.44 -8.42 4.75
O1A NAP B . 3.46 -7.70 5.59
O2A NAP B . 1.03 -7.94 4.80
O5B NAP B . 2.37 -9.95 5.11
C5B NAP B . 3.62 -10.68 5.16
C4B NAP B . 3.36 -12.17 5.23
O4B NAP B . 2.54 -12.38 6.37
C3B NAP B . 2.53 -12.72 4.09
O3B NAP B . 3.41 -13.20 3.03
C2B NAP B . 1.63 -13.78 4.68
O2B NAP B . 1.95 -15.10 4.29
C1B NAP B . 1.94 -13.66 6.20
N9A NAP B . 0.68 -13.65 6.98
C8A NAP B . -0.53 -12.98 6.68
N7A NAP B . -1.42 -13.11 7.65
C5A NAP B . -0.78 -13.87 8.62
C6A NAP B . -1.24 -14.33 9.83
N6A NAP B . -2.48 -14.13 10.29
N1A NAP B . -0.36 -15.05 10.52
C2A NAP B . 0.88 -15.29 10.08
N3A NAP B . 1.44 -14.91 8.93
C4A NAP B . 0.51 -14.19 8.25
O3 NAP B . 2.94 -8.43 3.20
PN NAP B . 3.31 -7.37 2.08
O1N NAP B . 4.72 -6.93 2.28
O2N NAP B . 2.91 -8.04 0.78
O5D NAP B . 2.42 -6.13 2.39
C5D NAP B . 0.98 -6.18 2.14
C4D NAP B . 0.55 -5.49 0.84
O4D NAP B . 0.97 -4.12 0.84
C3D NAP B . 1.12 -6.00 -0.46
O3D NAP B . 0.55 -7.30 -0.85
C2D NAP B . 0.80 -4.86 -1.39
O2D NAP B . -0.56 -4.87 -1.63
C1D NAP B . 1.19 -3.69 -0.48
N1N NAP B . 2.60 -3.26 -0.62
C2N NAP B . 2.82 -2.05 -1.20
C3N NAP B . 4.12 -1.60 -1.36
C7N NAP B . 4.43 -0.27 -1.95
O7N NAP B . 5.57 0.02 -2.31
N7N NAP B . 3.42 0.63 -2.00
C4N NAP B . 5.17 -2.41 -0.92
C5N NAP B . 4.90 -3.63 -0.32
C6N NAP B . 3.62 -4.03 -0.14
P2B NAP B . 0.81 -16.05 3.63
O1X NAP B . 0.43 -15.46 2.27
O2X NAP B . 1.59 -17.40 3.55
O3X NAP B . -0.30 -16.07 4.64
C17 WDT C . 11.20 0.31 -1.59
C14 WDT C . 11.89 -0.29 -2.64
C15 WDT C . 9.85 0.30 -1.71
C9 WDT C . 7.31 -4.86 -3.76
C10 WDT C . 11.26 -0.87 -3.71
C11 WDT C . 9.17 -0.26 -2.79
C4 WDT C . 8.34 -4.06 -4.28
C3 WDT C . 6.78 -2.20 -4.63
C12 WDT C . 6.04 -4.33 -3.70
C8 WDT C . 5.79 -3.02 -4.14
C5 WDT C . 9.90 -0.87 -3.79
C1 WDT C . 8.03 -2.77 -4.67
N16 WDT C . 5.07 -5.18 -3.08
O19 WDT C . 5.35 -6.16 -2.32
O18 WDT C . 3.86 -4.86 -3.01
O6 WDT C . 8.69 -0.51 -5.95
O7 WDT C . 10.24 -2.59 -5.70
O13 WDT C . 4.56 -2.52 -4.04
S2 WDT C . 9.22 -1.65 -5.26
#